data_7I9T
#
_entry.id   7I9T
#
_cell.length_a   42.714
_cell.length_b   42.714
_cell.length_c   217.127
_cell.angle_alpha   90.000
_cell.angle_beta   90.000
_cell.angle_gamma   90.000
#
_symmetry.space_group_name_H-M   'P 43 2 2'
#
loop_
_entity.id
_entity.type
_entity.pdbx_description
1 polymer 'Serine protease subunit NS2B'
2 polymer 'Serine protease NS3'
3 non-polymer 'DIMETHYL SULFOXIDE'
4 non-polymer 3-bromo-N-(2,3-dihydro-1H-isoindol-5-yl)naphthalene-1-carboxamide
5 water water
#
loop_
_entity_poly.entity_id
_entity_poly.type
_entity_poly.pdbx_seq_one_letter_code
_entity_poly.pdbx_strand_id
1 'polypeptide(L)' SMGKSVDMYIERAGDITWEKDAEVTGNSPRLDVALDESGDFSLVEE A
2 'polypeptide(L)'
;MKEVKKGETTDGVYRVMTRRLLGSTQVGVGVMQEGVFHTMWHVTKGAALRSGEGRLDPYWGDVKQDLVSYCGPWKLDAAW
DGLSEVQLLAVPPGERAKNIQTLPGIFKTKDGDIGAVALDYPAGTSGSPILDKCGRVIGLYGNGVVIKNGSYVSAITQGK
REEETPVE
;
B
#
loop_
_chem_comp.id
_chem_comp.type
_chem_comp.name
_chem_comp.formula
A1B9D non-polymer 3-bromo-N-(2,3-dihydro-1H-isoindol-5-yl)naphthalene-1-carboxamide 'C19 H15 Br N2 O'
DMS non-polymer 'DIMETHYL SULFOXIDE' 'C2 H6 O S'
#
# COMPACT_ATOMS: atom_id res chain seq x y z
N ASP A 7 7.90 -1.49 20.42
CA ASP A 7 8.38 -0.60 19.39
C ASP A 7 8.45 -1.30 18.03
N MET A 8 8.01 -0.63 16.96
CA MET A 8 8.00 -1.14 15.60
C MET A 8 9.31 -0.83 14.85
N TYR A 9 9.65 -1.66 13.86
CA TYR A 9 10.87 -1.49 13.07
C TYR A 9 10.72 -1.91 11.60
N ILE A 10 11.60 -1.42 10.70
CA ILE A 10 11.53 -1.80 9.29
C ILE A 10 12.69 -2.71 8.84
N GLU A 11 12.37 -3.67 7.95
CA GLU A 11 13.30 -4.66 7.39
C GLU A 11 13.15 -4.64 5.88
N ARG A 12 14.19 -4.31 5.11
CA ARG A 12 14.11 -4.25 3.65
C ARG A 12 13.58 -5.54 2.99
N ALA A 13 12.67 -5.41 2.01
CA ALA A 13 12.06 -6.55 1.32
C ALA A 13 12.36 -6.64 -0.18
N GLY A 14 13.02 -5.63 -0.75
CA GLY A 14 13.40 -5.67 -2.15
C GLY A 14 13.43 -4.35 -2.91
N ASP A 15 13.60 -4.46 -4.23
CA ASP A 15 13.64 -3.35 -5.18
C ASP A 15 12.27 -3.12 -5.79
N ILE A 16 11.99 -1.87 -6.17
CA ILE A 16 10.73 -1.54 -6.81
C ILE A 16 10.93 -1.56 -8.34
N THR A 17 10.57 -2.69 -8.98
N THR A 17 10.57 -2.69 -8.98
CA THR A 17 10.72 -2.87 -10.42
CA THR A 17 10.73 -2.85 -10.43
C THR A 17 9.55 -3.65 -10.99
C THR A 17 9.57 -3.65 -11.00
N TRP A 18 9.09 -3.28 -12.19
CA TRP A 18 8.01 -4.00 -12.88
C TRP A 18 8.71 -5.19 -13.54
N GLU A 19 8.33 -6.43 -13.20
CA GLU A 19 8.97 -7.59 -13.81
C GLU A 19 8.12 -8.19 -14.92
N LYS A 20 8.72 -8.34 -16.11
CA LYS A 20 8.01 -8.91 -17.25
C LYS A 20 7.76 -10.40 -17.05
N ASP A 21 6.77 -10.94 -17.76
CA ASP A 21 6.38 -12.36 -17.71
C ASP A 21 5.90 -12.81 -16.31
N ALA A 22 5.47 -11.85 -15.47
CA ALA A 22 4.99 -12.11 -14.12
C ALA A 22 3.54 -12.69 -14.11
N GLU A 23 3.06 -13.17 -12.95
CA GLU A 23 1.75 -13.78 -12.74
C GLU A 23 0.57 -12.84 -13.03
N VAL A 24 -0.13 -13.04 -14.16
CA VAL A 24 -1.29 -12.21 -14.53
C VAL A 24 -2.61 -12.84 -14.07
N THR A 25 -3.11 -12.39 -12.92
CA THR A 25 -4.33 -12.90 -12.31
C THR A 25 -5.19 -11.74 -11.74
N GLY A 26 -6.43 -12.02 -11.35
CA GLY A 26 -7.29 -11.00 -10.75
C GLY A 26 -8.28 -10.36 -11.69
N ASN A 27 -9.47 -10.02 -11.18
CA ASN A 27 -10.54 -9.40 -11.95
C ASN A 27 -10.64 -7.84 -11.76
N SER A 28 -11.51 -7.17 -12.54
CA SER A 28 -11.70 -5.72 -12.50
C SER A 28 -13.14 -5.35 -12.18
N PRO A 29 -13.48 -5.24 -10.89
CA PRO A 29 -14.86 -4.95 -10.53
C PRO A 29 -15.20 -3.46 -10.33
N ARG A 30 -16.36 -3.02 -10.86
CA ARG A 30 -16.83 -1.65 -10.67
C ARG A 30 -17.77 -1.67 -9.48
N LEU A 31 -17.32 -1.19 -8.32
CA LEU A 31 -18.11 -1.22 -7.10
C LEU A 31 -18.46 0.16 -6.59
N ASP A 32 -19.74 0.38 -6.22
CA ASP A 32 -20.21 1.66 -5.66
C ASP A 32 -19.92 1.68 -4.16
N VAL A 33 -19.02 2.56 -3.72
CA VAL A 33 -18.64 2.63 -2.31
C VAL A 33 -18.81 4.05 -1.70
N ALA A 34 -18.64 4.17 -0.36
CA ALA A 34 -18.68 5.44 0.37
C ALA A 34 -17.54 5.47 1.39
N LEU A 35 -16.85 6.61 1.52
CA LEU A 35 -15.75 6.73 2.46
C LEU A 35 -16.20 7.55 3.69
N ASP A 36 -15.83 7.09 4.89
CA ASP A 36 -16.25 7.78 6.11
C ASP A 36 -15.09 8.51 6.81
N GLU A 37 -15.44 9.35 7.82
CA GLU A 37 -14.52 10.15 8.62
C GLU A 37 -13.39 9.31 9.21
N SER A 38 -13.60 8.00 9.45
CA SER A 38 -12.54 7.14 9.98
C SER A 38 -11.64 6.49 8.91
N GLY A 39 -11.79 6.91 7.65
CA GLY A 39 -11.01 6.38 6.54
C GLY A 39 -11.32 4.95 6.14
N ASP A 40 -12.57 4.50 6.38
CA ASP A 40 -12.99 3.15 6.06
C ASP A 40 -13.96 3.13 4.88
N PHE A 41 -13.76 2.21 3.93
CA PHE A 41 -14.65 2.06 2.79
C PHE A 41 -15.84 1.16 3.14
N SER A 42 -17.00 1.45 2.56
CA SER A 42 -18.20 0.67 2.80
C SER A 42 -18.88 0.35 1.51
N LEU A 43 -19.43 -0.86 1.40
CA LEU A 43 -20.14 -1.27 0.20
C LEU A 43 -21.54 -0.68 0.18
N VAL A 44 -21.77 0.29 -0.70
CA VAL A 44 -23.07 0.92 -0.84
C VAL A 44 -23.82 0.28 -2.00
N GLU A 45 -25.03 -0.22 -1.74
CA GLU A 45 -25.83 -0.87 -2.78
C GLU A 45 -27.28 -0.37 -2.72
N GLY B 7 18.67 5.33 9.62
CA GLY B 7 19.45 4.13 9.41
C GLY B 7 19.61 3.73 7.94
N GLU B 8 18.89 2.68 7.51
CA GLU B 8 18.96 2.25 6.12
C GLU B 8 17.96 3.02 5.28
N THR B 9 18.44 4.00 4.51
N THR B 9 18.45 4.00 4.50
CA THR B 9 17.57 4.80 3.65
CA THR B 9 17.58 4.82 3.65
C THR B 9 17.77 4.48 2.18
C THR B 9 17.78 4.47 2.18
N THR B 10 18.01 3.19 1.86
CA THR B 10 18.19 2.77 0.48
C THR B 10 16.81 2.67 -0.13
N ASP B 11 16.57 3.39 -1.22
CA ASP B 11 15.30 3.38 -1.95
C ASP B 11 14.85 1.95 -2.26
N GLY B 12 13.65 1.58 -1.81
CA GLY B 12 13.10 0.26 -2.03
C GLY B 12 11.85 -0.03 -1.21
N VAL B 13 11.34 -1.25 -1.29
CA VAL B 13 10.14 -1.65 -0.53
C VAL B 13 10.58 -2.33 0.79
N TYR B 14 9.92 -2.01 1.90
CA TYR B 14 10.31 -2.52 3.22
C TYR B 14 9.15 -3.17 3.99
N ARG B 15 9.45 -4.00 4.99
CA ARG B 15 8.44 -4.64 5.83
C ARG B 15 8.30 -3.82 7.12
N VAL B 16 7.11 -3.80 7.70
CA VAL B 16 6.84 -3.07 8.95
C VAL B 16 6.58 -4.09 10.07
N MET B 17 7.60 -4.40 10.89
CA MET B 17 7.56 -5.45 11.91
C MET B 17 7.38 -4.98 13.36
N THR B 18 6.84 -5.85 14.24
CA THR B 18 6.68 -5.50 15.65
C THR B 18 7.01 -6.66 16.60
N ARG B 19 7.71 -6.34 17.69
CA ARG B 19 8.07 -7.32 18.70
C ARG B 19 7.14 -7.25 19.94
N ARG B 20 6.02 -6.49 19.87
CA ARG B 20 5.05 -6.32 20.95
C ARG B 20 4.18 -7.59 21.14
N LEU B 21 3.89 -8.28 20.05
CA LEU B 21 3.15 -9.54 20.10
C LEU B 21 4.13 -10.76 20.14
N LEU B 22 3.58 -11.99 20.23
CA LEU B 22 4.38 -13.22 20.26
C LEU B 22 5.22 -13.31 18.97
N GLY B 23 6.53 -13.37 19.15
CA GLY B 23 7.47 -13.41 18.05
C GLY B 23 7.56 -12.08 17.34
N SER B 24 7.92 -12.10 16.05
CA SER B 24 8.01 -10.90 15.24
C SER B 24 6.81 -10.93 14.31
N THR B 25 5.96 -9.91 14.36
CA THR B 25 4.73 -9.89 13.57
C THR B 25 4.70 -8.77 12.54
N GLN B 26 4.50 -9.12 11.26
CA GLN B 26 4.45 -8.11 10.20
C GLN B 26 3.12 -7.37 10.18
N VAL B 27 3.10 -6.13 10.66
CA VAL B 27 1.87 -5.33 10.66
C VAL B 27 1.57 -4.69 9.27
N GLY B 28 2.57 -4.63 8.40
CA GLY B 28 2.40 -4.07 7.08
C GLY B 28 3.66 -4.00 6.24
N VAL B 29 3.59 -3.19 5.18
CA VAL B 29 4.65 -2.95 4.20
C VAL B 29 4.74 -1.40 3.98
N GLY B 30 5.86 -0.92 3.47
CA GLY B 30 6.03 0.50 3.19
C GLY B 30 6.90 0.75 1.97
N VAL B 31 7.07 2.01 1.58
CA VAL B 31 7.90 2.37 0.42
C VAL B 31 8.91 3.45 0.80
N MET B 32 10.19 3.16 0.64
CA MET B 32 11.23 4.14 0.89
C MET B 32 11.59 4.76 -0.44
N GLN B 33 11.28 6.05 -0.62
CA GLN B 33 11.63 6.76 -1.84
C GLN B 33 12.06 8.16 -1.47
N GLU B 34 13.27 8.59 -1.88
CA GLU B 34 13.75 9.94 -1.61
C GLU B 34 13.83 10.31 -0.10
N GLY B 35 14.43 9.44 0.72
CA GLY B 35 14.61 9.67 2.14
C GLY B 35 13.34 9.67 2.97
N VAL B 36 12.18 9.38 2.34
CA VAL B 36 10.87 9.34 2.98
C VAL B 36 10.28 7.91 2.90
N PHE B 37 9.77 7.40 4.04
CA PHE B 37 9.13 6.09 4.12
C PHE B 37 7.62 6.31 4.13
N HIS B 38 6.92 5.93 3.05
CA HIS B 38 5.48 6.09 2.87
C HIS B 38 4.73 4.80 3.14
N THR B 39 3.74 4.85 4.03
CA THR B 39 2.97 3.64 4.35
C THR B 39 1.48 3.98 4.65
N MET B 40 0.65 2.98 4.91
CA MET B 40 -0.74 3.20 5.26
C MET B 40 -0.83 3.54 6.76
N TRP B 41 -1.78 4.40 7.13
CA TRP B 41 -1.94 4.85 8.51
CA TRP B 41 -1.95 4.86 8.51
C TRP B 41 -2.29 3.73 9.50
N HIS B 42 -3.29 2.90 9.20
CA HIS B 42 -3.67 1.81 10.13
C HIS B 42 -2.53 0.81 10.50
N VAL B 43 -1.41 0.88 9.75
CA VAL B 43 -0.24 0.01 9.94
C VAL B 43 0.56 0.44 11.16
N THR B 44 0.93 1.73 11.24
CA THR B 44 1.72 2.22 12.36
C THR B 44 0.91 3.03 13.37
N LYS B 45 -0.16 3.70 12.89
CA LYS B 45 -1.03 4.61 13.66
C LYS B 45 -0.28 5.85 14.12
N GLY B 46 0.65 6.32 13.28
CA GLY B 46 1.48 7.48 13.54
C GLY B 46 2.53 7.28 14.60
N ALA B 47 2.94 6.03 14.83
CA ALA B 47 3.95 5.73 15.85
C ALA B 47 5.35 5.77 15.26
N ALA B 48 6.34 6.23 16.02
CA ALA B 48 7.71 6.30 15.54
C ALA B 48 8.26 4.92 15.23
N LEU B 49 8.86 4.75 14.04
CA LEU B 49 9.45 3.48 13.63
C LEU B 49 10.97 3.49 13.86
N ARG B 50 11.64 2.37 13.62
CA ARG B 50 13.08 2.26 13.84
C ARG B 50 13.77 1.47 12.71
N SER B 51 14.86 2.02 12.14
CA SER B 51 15.58 1.29 11.08
C SER B 51 17.00 1.02 11.53
N GLY B 52 17.26 -0.22 11.96
CA GLY B 52 18.55 -0.63 12.48
C GLY B 52 18.72 -0.02 13.86
N GLU B 53 19.24 1.18 13.90
CA GLU B 53 19.37 2.00 15.10
C GLU B 53 18.65 3.35 14.94
N GLY B 54 18.49 3.81 13.68
CA GLY B 54 17.86 5.08 13.33
C GLY B 54 16.43 5.25 13.77
N ARG B 55 16.07 6.48 14.11
CA ARG B 55 14.73 6.84 14.57
C ARG B 55 13.92 7.51 13.46
N LEU B 56 12.91 6.82 12.94
CA LEU B 56 12.06 7.37 11.89
C LEU B 56 10.84 8.00 12.52
N ASP B 57 10.74 9.32 12.44
CA ASP B 57 9.65 10.05 13.07
C ASP B 57 8.61 10.50 12.06
N PRO B 58 7.32 10.44 12.41
CA PRO B 58 6.27 10.89 11.48
C PRO B 58 6.38 12.35 11.03
N TYR B 59 5.89 12.68 9.84
CA TYR B 59 5.98 14.04 9.30
C TYR B 59 4.60 14.52 8.85
N TRP B 60 3.87 13.66 8.17
CA TRP B 60 2.53 13.98 7.67
C TRP B 60 1.61 12.73 7.75
N GLY B 61 0.32 12.96 7.96
CA GLY B 61 -0.66 11.87 8.03
C GLY B 61 -2.09 12.32 7.96
N ASP B 62 -2.98 11.43 7.54
CA ASP B 62 -4.41 11.71 7.42
C ASP B 62 -5.15 10.36 7.59
N VAL B 63 -6.15 10.31 8.48
CA VAL B 63 -6.89 9.09 8.76
C VAL B 63 -7.89 8.78 7.64
N LYS B 64 -8.51 9.79 7.02
CA LYS B 64 -9.46 9.55 5.93
C LYS B 64 -8.72 9.04 4.70
N GLN B 65 -7.59 9.67 4.33
CA GLN B 65 -6.78 9.18 3.22
C GLN B 65 -6.11 7.85 3.53
N ASP B 66 -5.89 7.58 4.83
CA ASP B 66 -5.23 6.42 5.40
C ASP B 66 -3.77 6.35 4.98
N LEU B 67 -3.10 7.52 4.86
CA LEU B 67 -1.68 7.56 4.48
C LEU B 67 -0.81 8.24 5.54
N VAL B 68 0.49 7.89 5.61
CA VAL B 68 1.44 8.45 6.57
C VAL B 68 2.87 8.42 6.01
N SER B 69 3.61 9.55 6.12
CA SER B 69 4.98 9.67 5.61
C SER B 69 6.00 9.98 6.74
N TYR B 70 7.13 9.26 6.73
CA TYR B 70 8.17 9.39 7.74
C TYR B 70 9.40 10.09 7.21
N CYS B 71 10.04 10.89 8.06
CA CYS B 71 11.25 11.64 7.75
C CYS B 71 11.05 12.80 6.75
N GLY B 72 9.89 12.91 6.13
CA GLY B 72 9.64 13.99 5.19
C GLY B 72 8.26 13.99 4.58
N PRO B 73 8.01 14.95 3.68
CA PRO B 73 6.71 14.99 3.00
C PRO B 73 6.55 13.91 1.94
N TRP B 74 5.30 13.62 1.57
CA TRP B 74 4.95 12.60 0.58
C TRP B 74 5.62 12.88 -0.75
N LYS B 75 6.37 11.91 -1.28
CA LYS B 75 7.12 12.03 -2.54
C LYS B 75 6.46 11.31 -3.72
N LEU B 76 5.77 10.18 -3.47
CA LEU B 76 5.11 9.35 -4.51
C LEU B 76 3.97 10.08 -5.19
N ASP B 77 4.09 10.34 -6.50
CA ASP B 77 3.07 11.12 -7.21
C ASP B 77 2.63 10.53 -8.56
N ALA B 78 2.93 9.25 -8.84
CA ALA B 78 2.50 8.63 -10.10
C ALA B 78 0.99 8.37 -10.07
N ALA B 79 0.34 8.36 -11.25
CA ALA B 79 -1.10 8.17 -11.31
C ALA B 79 -1.51 7.13 -12.31
N TRP B 80 -2.53 6.31 -11.97
CA TRP B 80 -3.04 5.28 -12.88
C TRP B 80 -3.66 5.97 -14.10
N ASP B 81 -3.41 5.43 -15.31
CA ASP B 81 -3.97 6.03 -16.52
C ASP B 81 -5.44 5.65 -16.79
N GLY B 82 -5.96 4.66 -16.08
CA GLY B 82 -7.33 4.21 -16.24
C GLY B 82 -7.51 3.06 -17.21
N LEU B 83 -6.48 2.78 -18.02
CA LEU B 83 -6.54 1.72 -19.02
C LEU B 83 -5.51 0.63 -18.88
N SER B 84 -4.31 0.97 -18.42
CA SER B 84 -3.20 0.02 -18.39
C SER B 84 -3.21 -0.97 -17.24
N GLU B 85 -2.67 -2.17 -17.51
CA GLU B 85 -2.50 -3.19 -16.50
C GLU B 85 -1.40 -2.71 -15.54
N VAL B 86 -1.57 -3.04 -14.27
CA VAL B 86 -0.66 -2.66 -13.21
C VAL B 86 -0.03 -3.93 -12.57
N GLN B 87 0.92 -3.76 -11.64
CA GLN B 87 1.52 -4.85 -10.90
C GLN B 87 1.48 -4.53 -9.40
N LEU B 88 1.21 -5.51 -8.56
CA LEU B 88 1.21 -5.32 -7.11
C LEU B 88 2.48 -5.97 -6.58
N LEU B 89 3.40 -5.17 -6.01
CA LEU B 89 4.59 -5.74 -5.40
C LEU B 89 4.15 -6.20 -4.00
N ALA B 90 3.56 -7.39 -3.95
CA ALA B 90 2.98 -7.97 -2.75
C ALA B 90 4.04 -8.52 -1.85
N VAL B 91 4.12 -8.01 -0.63
CA VAL B 91 5.08 -8.50 0.36
C VAL B 91 4.29 -9.21 1.47
N PRO B 92 4.05 -10.52 1.33
CA PRO B 92 3.23 -11.22 2.34
C PRO B 92 3.99 -11.54 3.62
N PRO B 93 3.28 -11.60 4.76
CA PRO B 93 3.96 -11.94 6.03
C PRO B 93 4.54 -13.34 5.99
N GLY B 94 5.88 -13.43 6.06
CA GLY B 94 6.58 -14.70 6.04
C GLY B 94 6.99 -15.19 4.65
N GLU B 95 6.49 -14.55 3.59
CA GLU B 95 6.80 -14.95 2.22
C GLU B 95 7.60 -13.86 1.48
N ARG B 96 8.27 -14.24 0.38
CA ARG B 96 9.06 -13.31 -0.44
C ARG B 96 8.18 -12.35 -1.23
N ALA B 97 8.70 -11.16 -1.58
CA ALA B 97 7.92 -10.20 -2.36
C ALA B 97 7.65 -10.75 -3.75
N LYS B 98 6.45 -10.48 -4.29
CA LYS B 98 6.05 -10.98 -5.60
C LYS B 98 5.26 -9.95 -6.41
N ASN B 99 5.63 -9.79 -7.67
CA ASN B 99 4.94 -8.87 -8.57
C ASN B 99 3.75 -9.59 -9.18
N ILE B 100 2.54 -9.20 -8.82
CA ILE B 100 1.34 -9.84 -9.37
C ILE B 100 0.64 -8.88 -10.34
N GLN B 101 0.75 -9.15 -11.65
CA GLN B 101 0.13 -8.28 -12.65
C GLN B 101 -1.38 -8.48 -12.72
N THR B 102 -2.13 -7.38 -12.83
CA THR B 102 -3.60 -7.40 -12.90
C THR B 102 -4.12 -6.17 -13.66
N LEU B 103 -5.41 -6.13 -14.01
CA LEU B 103 -6.02 -4.95 -14.59
C LEU B 103 -6.98 -4.44 -13.53
N PRO B 104 -6.86 -3.19 -13.09
CA PRO B 104 -7.76 -2.69 -12.06
C PRO B 104 -9.18 -2.34 -12.51
N GLY B 105 -10.11 -2.47 -11.57
CA GLY B 105 -11.49 -2.12 -11.73
C GLY B 105 -11.72 -0.68 -11.27
N ILE B 106 -12.90 -0.40 -10.72
CA ILE B 106 -13.24 0.95 -10.33
C ILE B 106 -13.99 1.02 -8.98
N PHE B 107 -13.78 2.09 -8.22
CA PHE B 107 -14.52 2.39 -7.01
C PHE B 107 -15.31 3.65 -7.39
N LYS B 108 -16.63 3.60 -7.27
CA LYS B 108 -17.48 4.74 -7.60
C LYS B 108 -17.87 5.43 -6.30
N THR B 109 -17.36 6.66 -6.07
CA THR B 109 -17.61 7.42 -4.85
C THR B 109 -18.31 8.77 -5.14
N LYS B 110 -18.76 9.49 -4.09
CA LYS B 110 -19.35 10.82 -4.26
C LYS B 110 -18.29 11.91 -4.58
N ASP B 111 -16.99 11.62 -4.31
CA ASP B 111 -15.91 12.55 -4.59
C ASP B 111 -15.06 12.03 -5.77
N GLY B 112 -15.73 11.51 -6.79
CA GLY B 112 -15.04 10.99 -7.97
C GLY B 112 -14.67 9.52 -7.91
N ASP B 113 -14.15 8.97 -9.02
CA ASP B 113 -13.77 7.56 -9.09
C ASP B 113 -12.30 7.30 -8.83
N ILE B 114 -11.98 6.12 -8.30
CA ILE B 114 -10.62 5.73 -7.94
C ILE B 114 -10.38 4.28 -8.40
N GLY B 115 -9.12 3.93 -8.69
CA GLY B 115 -8.76 2.59 -9.12
C GLY B 115 -8.94 1.54 -8.04
N ALA B 116 -9.06 0.26 -8.43
CA ALA B 116 -9.22 -0.81 -7.45
C ALA B 116 -8.62 -2.15 -7.86
N VAL B 117 -7.75 -2.70 -7.01
CA VAL B 117 -7.11 -3.98 -7.27
CA VAL B 117 -7.10 -3.97 -7.25
C VAL B 117 -7.83 -5.10 -6.53
N ALA B 118 -8.38 -6.07 -7.31
CA ALA B 118 -9.10 -7.19 -6.73
C ALA B 118 -8.21 -8.41 -6.52
N LEU B 119 -7.36 -8.37 -5.50
CA LEU B 119 -6.47 -9.48 -5.18
C LEU B 119 -6.64 -9.83 -3.71
N ASP B 120 -6.68 -11.13 -3.40
CA ASP B 120 -6.88 -11.60 -2.04
C ASP B 120 -5.59 -11.77 -1.25
N TYR B 121 -5.39 -10.90 -0.25
CA TYR B 121 -4.20 -10.96 0.57
C TYR B 121 -4.48 -10.74 2.05
N PRO B 122 -3.60 -11.25 2.95
CA PRO B 122 -3.80 -11.03 4.39
C PRO B 122 -3.63 -9.56 4.78
N ALA B 123 -4.20 -9.16 5.92
CA ALA B 123 -4.11 -7.77 6.40
C ALA B 123 -2.68 -7.29 6.68
N GLY B 124 -1.75 -8.22 6.87
CA GLY B 124 -0.33 -7.91 7.08
C GLY B 124 0.40 -7.44 5.84
N THR B 125 -0.21 -7.58 4.66
CA THR B 125 0.38 -7.14 3.39
C THR B 125 0.08 -5.64 3.12
N SER B 126 -0.62 -4.94 4.04
CA SER B 126 -1.05 -3.54 3.92
C SER B 126 0.09 -2.53 3.85
N GLY B 127 0.14 -1.79 2.75
CA GLY B 127 1.17 -0.80 2.47
C GLY B 127 2.08 -1.18 1.31
N SER B 128 1.74 -2.24 0.58
CA SER B 128 2.50 -2.75 -0.56
C SER B 128 2.25 -1.85 -1.78
N PRO B 129 3.29 -1.52 -2.54
CA PRO B 129 3.10 -0.62 -3.68
C PRO B 129 2.42 -1.19 -4.93
N ILE B 130 1.56 -0.38 -5.56
CA ILE B 130 0.94 -0.74 -6.82
C ILE B 130 1.80 -0.05 -7.87
N LEU B 131 2.37 -0.81 -8.79
CA LEU B 131 3.30 -0.30 -9.78
C LEU B 131 2.76 -0.22 -11.18
N ASP B 132 3.33 0.68 -11.97
CA ASP B 132 3.02 0.82 -13.39
C ASP B 132 4.14 0.15 -14.23
N LYS B 133 3.95 0.09 -15.56
CA LYS B 133 4.89 -0.49 -16.53
C LYS B 133 6.29 0.20 -16.52
N CYS B 134 6.34 1.46 -16.04
CA CYS B 134 7.60 2.20 -15.90
C CYS B 134 8.32 1.81 -14.57
N GLY B 135 7.52 1.45 -13.57
CA GLY B 135 8.00 1.05 -12.25
C GLY B 135 7.54 1.97 -11.13
N ARG B 136 7.08 3.18 -11.50
CA ARG B 136 6.63 4.18 -10.55
C ARG B 136 5.50 3.70 -9.63
N VAL B 137 5.48 4.22 -8.40
CA VAL B 137 4.48 3.82 -7.42
C VAL B 137 3.25 4.66 -7.61
N ILE B 138 2.16 4.06 -8.14
CA ILE B 138 0.88 4.74 -8.37
C ILE B 138 -0.08 4.70 -7.18
N GLY B 139 0.31 4.03 -6.09
CA GLY B 139 -0.55 3.94 -4.91
C GLY B 139 -0.22 2.81 -3.96
N LEU B 140 -1.00 2.71 -2.86
CA LEU B 140 -0.84 1.69 -1.81
C LEU B 140 -2.05 0.73 -1.65
N TYR B 141 -1.74 -0.55 -1.43
CA TYR B 141 -2.69 -1.65 -1.25
C TYR B 141 -2.89 -1.87 0.26
N GLY B 142 -4.13 -1.85 0.74
CA GLY B 142 -4.39 -2.05 2.15
C GLY B 142 -5.73 -1.57 2.67
N ASN B 143 -6.36 -0.65 1.92
CA ASN B 143 -7.66 -0.09 2.34
C ASN B 143 -8.68 -0.18 1.21
N GLY B 144 -9.69 -0.98 1.43
CA GLY B 144 -10.77 -1.18 0.48
C GLY B 144 -11.99 -1.73 1.19
N VAL B 145 -12.69 -2.67 0.56
CA VAL B 145 -13.89 -3.23 1.18
C VAL B 145 -14.01 -4.76 0.96
N VAL B 146 -14.70 -5.44 1.88
CA VAL B 146 -14.93 -6.88 1.80
C VAL B 146 -16.15 -7.07 0.89
N ILE B 147 -16.02 -7.93 -0.13
CA ILE B 147 -17.04 -8.13 -1.15
C ILE B 147 -18.12 -9.20 -0.77
N LYS B 148 -19.12 -9.44 -1.63
CA LYS B 148 -20.18 -10.44 -1.40
C LYS B 148 -19.65 -11.91 -1.35
N ASN B 149 -18.43 -12.13 -1.89
CA ASN B 149 -17.76 -13.44 -1.95
C ASN B 149 -16.75 -13.69 -0.80
N GLY B 150 -16.60 -12.70 0.09
CA GLY B 150 -15.64 -12.79 1.19
C GLY B 150 -14.33 -12.11 0.87
N SER B 151 -13.91 -12.21 -0.42
CA SER B 151 -12.67 -11.64 -0.95
CA SER B 151 -12.67 -11.64 -0.96
C SER B 151 -12.52 -10.13 -0.64
N TYR B 152 -11.31 -9.56 -0.87
CA TYR B 152 -11.08 -8.14 -0.59
C TYR B 152 -10.69 -7.36 -1.86
N VAL B 153 -11.31 -6.19 -2.07
CA VAL B 153 -10.98 -5.32 -3.19
C VAL B 153 -10.42 -4.01 -2.61
N SER B 154 -9.13 -3.76 -2.85
CA SER B 154 -8.44 -2.58 -2.29
C SER B 154 -8.30 -1.43 -3.25
N ALA B 155 -8.47 -0.21 -2.75
CA ALA B 155 -8.32 0.98 -3.55
C ALA B 155 -6.86 1.22 -3.89
N ILE B 156 -6.61 1.92 -5.01
CA ILE B 156 -5.26 2.32 -5.37
C ILE B 156 -5.14 3.69 -4.71
N THR B 157 -4.56 3.72 -3.48
CA THR B 157 -4.44 4.92 -2.63
C THR B 157 -3.21 5.75 -2.94
N GLN B 158 -3.37 6.96 -3.48
CA GLN B 158 -2.21 7.81 -3.78
C GLN B 158 -2.21 9.11 -2.97
N GLY B 159 -1.04 9.51 -2.48
CA GLY B 159 -0.89 10.74 -1.71
C GLY B 159 -0.67 11.95 -2.58
N LYS B 160 -0.33 13.10 -1.96
CA LYS B 160 -0.14 14.34 -2.70
C LYS B 160 1.28 14.95 -2.56
N ARG B 161 1.95 15.21 -3.70
CA ARG B 161 3.27 15.82 -3.73
C ARG B 161 3.20 17.35 -3.55
N GLU B 162 4.34 18.04 -3.33
CA GLU B 162 4.36 19.49 -3.18
C GLU B 162 5.35 20.14 -4.16
S DMS C . 0.38 6.80 18.85
O DMS C . 0.59 7.59 17.60
C1 DMS C . 1.85 6.99 19.88
C2 DMS C . 0.66 5.04 18.48
N1 A1B9D D . -7.61 -3.01 6.24
C4 A1B9D D . -8.18 -0.90 9.23
C5 A1B9D D . -8.33 0.35 8.63
C6 A1B9D D . -8.19 0.51 7.26
C7 A1B9D D . -7.95 -0.59 6.45
C8 A1B9D D . -8.36 1.96 6.91
C10 A1B9D D . -7.39 -5.35 5.59
C13 A1B9D D . -6.90 -7.33 3.68
C15 A1B9D D . -8.83 -8.62 4.48
C17 A1B9D D . -10.16 -7.80 6.30
O1 A1B9D D . -7.64 -4.63 7.84
C1 A1B9D D . -7.54 -4.30 6.66
C2 A1B9D D . -7.83 -1.86 7.04
C3 A1B9D D . -7.96 -2.00 8.42
N2 A1B9D D . -9.01 2.48 8.13
C9 A1B9D D . -8.54 1.69 9.27
C11 A1B9D D . -6.34 -5.25 4.71
C12 A1B9D D . -6.10 -6.24 3.77
BR1 A1B9D D . -4.64 -6.06 2.57
C14 A1B9D D . -7.98 -7.49 4.58
C16 A1B9D D . -9.89 -8.77 5.34
C18 A1B9D D . -9.37 -6.68 6.40
C19 A1B9D D . -8.25 -6.50 5.55
#